data_1OIK
#
_entry.id   1OIK
#
_cell.length_a   72.027
_cell.length_b   141.892
_cell.length_c   161.718
_cell.angle_alpha   90.00
_cell.angle_beta   90.00
_cell.angle_gamma   90.00
#
_symmetry.space_group_name_H-M   'I 21 21 21'
#
loop_
_entity.id
_entity.type
_entity.pdbx_description
1 polymer 'PUTATIVE ALKYLSULFATASE ATSK'
2 non-polymer '(2R)-2-ETHYL-1-HEXANESULFONIC ACID'
3 non-polymer '2-OXOGLUTARIC ACID'
4 non-polymer 'FE (II) ION'
5 water water
#
_entity_poly.entity_id   1
_entity_poly.type   'polypeptide(L)'
_entity_poly.pdbx_seq_one_letter_code
;MSNAALATAPHALELDVHPVAGRIGAEIRGVKLSPDLDAATVEAIQAALVRHKVIFFRGQTHLDDQSQEGFAKLLGEPVA
HPTVPVVDGTRYLLQLDGAQGQRANSWHTDVTFVEAYPKASILRSVVAPASGGDTVWANTAAAYQELPEPLRELADKLWA
VHSNRYDYASLKPDIDPAKLERHRKVFTSTVYETEHPVVRVHPISGERALQLGHFVKRIKGYSLADSQHLFAVLQGHVTR
LENTVRWRWEAGDVAIWDNRATQHYAVDDYGTQPRIVRRVTLAGEVPVGVDGQLSRTTRKG
;
_entity_poly.pdbx_strand_id   A,D
#
loop_
_chem_comp.id
_chem_comp.type
_chem_comp.name
_chem_comp.formula
AKG non-polymer '2-OXOGLUTARIC ACID' 'C5 H6 O5'
C26 non-polymer '(2R)-2-ETHYL-1-HEXANESULFONIC ACID' 'C8 H18 O4 S'
FE2 non-polymer 'FE (II) ION' 'Fe 2'
#
# COMPACT_ATOMS: atom_id res chain seq x y z
N LEU A 13 -31.20 -9.59 4.92
CA LEU A 13 -30.99 -9.56 3.43
C LEU A 13 -29.66 -10.23 3.02
N GLU A 14 -29.57 -10.60 1.75
CA GLU A 14 -28.29 -10.91 1.12
C GLU A 14 -27.89 -9.70 0.26
N LEU A 15 -26.90 -8.94 0.69
CA LEU A 15 -26.47 -7.77 -0.06
C LEU A 15 -25.52 -8.18 -1.19
N ASP A 16 -25.42 -7.32 -2.21
CA ASP A 16 -24.48 -7.53 -3.29
C ASP A 16 -23.09 -6.98 -2.79
N VAL A 17 -22.28 -7.87 -2.24
CA VAL A 17 -21.05 -7.46 -1.53
C VAL A 17 -19.86 -7.98 -2.32
N HIS A 18 -18.94 -7.07 -2.65
CA HIS A 18 -17.77 -7.39 -3.46
C HIS A 18 -16.48 -6.98 -2.68
N PRO A 19 -15.80 -7.95 -2.08
CA PRO A 19 -14.53 -7.72 -1.35
C PRO A 19 -13.48 -7.05 -2.24
N VAL A 20 -12.79 -6.06 -1.67
CA VAL A 20 -11.79 -5.25 -2.39
C VAL A 20 -10.40 -5.89 -2.22
N ALA A 21 -9.95 -6.05 -0.97
CA ALA A 21 -8.67 -6.72 -0.76
C ALA A 21 -8.92 -8.07 -0.08
N GLY A 22 -7.88 -8.85 0.09
CA GLY A 22 -8.08 -10.21 0.59
C GLY A 22 -8.47 -10.25 2.04
N ARG A 23 -8.03 -9.26 2.86
CA ARG A 23 -8.25 -9.39 4.30
C ARG A 23 -9.03 -8.24 4.92
N ILE A 24 -9.46 -7.29 4.08
CA ILE A 24 -10.29 -6.18 4.50
C ILE A 24 -10.96 -5.46 3.32
N GLY A 25 -12.15 -4.92 3.53
CA GLY A 25 -12.67 -3.97 2.58
C GLY A 25 -13.65 -4.69 1.64
N ALA A 26 -14.85 -4.14 1.49
CA ALA A 26 -15.83 -4.68 0.50
C ALA A 26 -16.68 -3.57 -0.08
N GLU A 27 -16.91 -3.58 -1.40
CA GLU A 27 -17.89 -2.66 -1.99
C GLU A 27 -19.31 -3.29 -1.96
N ILE A 28 -20.29 -2.50 -1.56
CA ILE A 28 -21.65 -2.96 -1.49
C ILE A 28 -22.36 -2.28 -2.68
N ARG A 29 -22.88 -3.08 -3.59
CA ARG A 29 -23.67 -2.49 -4.70
C ARG A 29 -25.20 -2.59 -4.51
N GLY A 30 -25.97 -1.86 -5.34
CA GLY A 30 -27.42 -1.98 -5.40
C GLY A 30 -28.13 -1.37 -4.22
N VAL A 31 -27.45 -0.49 -3.47
CA VAL A 31 -28.05 0.17 -2.34
C VAL A 31 -27.81 1.66 -2.49
N LYS A 32 -28.89 2.42 -2.29
CA LYS A 32 -28.82 3.86 -2.32
C LYS A 32 -29.04 4.21 -0.86
N LEU A 33 -28.04 4.85 -0.23
CA LEU A 33 -28.10 5.18 1.20
C LEU A 33 -29.12 6.27 1.41
N SER A 34 -29.81 6.27 2.55
CA SER A 34 -30.80 7.33 2.84
C SER A 34 -31.30 7.19 4.26
N PRO A 35 -31.98 8.21 4.80
CA PRO A 35 -32.53 8.12 6.16
C PRO A 35 -33.72 7.16 6.25
N ASP A 36 -34.08 6.54 5.13
CA ASP A 36 -35.29 5.74 5.01
C ASP A 36 -35.01 4.25 4.73
N LEU A 37 -33.81 3.80 5.04
CA LEU A 37 -33.51 2.40 4.77
C LEU A 37 -34.23 1.51 5.80
N ASP A 38 -34.68 0.34 5.37
CA ASP A 38 -35.37 -0.56 6.29
C ASP A 38 -34.41 -1.29 7.27
N ALA A 39 -34.96 -1.80 8.36
CA ALA A 39 -34.18 -2.46 9.41
C ALA A 39 -33.35 -3.63 8.91
N ALA A 40 -33.84 -4.34 7.90
CA ALA A 40 -33.13 -5.47 7.37
C ALA A 40 -31.89 -5.03 6.60
N THR A 41 -32.00 -3.93 5.84
CA THR A 41 -30.90 -3.44 5.05
C THR A 41 -29.85 -2.90 6.02
N VAL A 42 -30.30 -2.17 7.03
CA VAL A 42 -29.44 -1.59 7.99
C VAL A 42 -28.68 -2.69 8.77
N GLU A 43 -29.40 -3.76 9.12
CA GLU A 43 -28.76 -4.90 9.75
C GLU A 43 -27.71 -5.55 8.85
N ALA A 44 -28.04 -5.78 7.57
CA ALA A 44 -27.11 -6.39 6.65
C ALA A 44 -25.85 -5.52 6.41
N ILE A 45 -26.02 -4.20 6.52
CA ILE A 45 -24.92 -3.24 6.42
C ILE A 45 -24.01 -3.33 7.66
N GLN A 46 -24.63 -3.36 8.83
CA GLN A 46 -23.94 -3.51 10.10
C GLN A 46 -23.13 -4.79 10.14
N ALA A 47 -23.68 -5.87 9.59
CA ALA A 47 -23.01 -7.14 9.50
C ALA A 47 -21.82 -7.10 8.51
N ALA A 48 -21.99 -6.45 7.34
CA ALA A 48 -20.90 -6.39 6.38
C ALA A 48 -19.76 -5.57 6.99
N LEU A 49 -20.12 -4.53 7.70
CA LEU A 49 -19.18 -3.69 8.34
C LEU A 49 -18.33 -4.43 9.39
N VAL A 50 -19.00 -5.16 10.28
CA VAL A 50 -18.30 -5.98 11.28
C VAL A 50 -17.35 -6.94 10.61
N ARG A 51 -17.85 -7.65 9.59
CA ARG A 51 -17.07 -8.62 8.86
C ARG A 51 -15.87 -8.01 8.05
N HIS A 52 -16.08 -6.93 7.34
CA HIS A 52 -15.11 -6.49 6.35
C HIS A 52 -14.33 -5.27 6.79
N LYS A 53 -14.75 -4.68 7.89
CA LYS A 53 -14.04 -3.59 8.59
C LYS A 53 -14.21 -2.23 7.99
N VAL A 54 -14.20 -2.18 6.66
CA VAL A 54 -14.55 -0.98 5.94
C VAL A 54 -15.33 -1.39 4.70
N ILE A 55 -16.42 -0.65 4.49
CA ILE A 55 -17.32 -0.93 3.33
C ILE A 55 -17.53 0.36 2.52
N PHE A 56 -17.67 0.18 1.21
CA PHE A 56 -17.73 1.28 0.27
C PHE A 56 -19.06 1.27 -0.55
N PHE A 57 -19.69 2.43 -0.68
CA PHE A 57 -20.87 2.60 -1.58
C PHE A 57 -20.56 3.71 -2.61
N ARG A 58 -20.59 3.36 -3.89
CA ARG A 58 -20.31 4.32 -4.95
C ARG A 58 -21.62 4.91 -5.47
N GLY A 59 -21.53 6.05 -6.15
CA GLY A 59 -22.66 6.63 -6.85
C GLY A 59 -23.69 7.18 -5.93
N GLN A 60 -23.29 7.61 -4.75
CA GLN A 60 -24.24 8.17 -3.80
C GLN A 60 -24.41 9.67 -3.95
N THR A 61 -24.52 10.12 -5.19
CA THR A 61 -24.60 11.55 -5.56
C THR A 61 -25.90 12.26 -5.20
N HIS A 62 -26.95 11.51 -4.85
CA HIS A 62 -28.18 12.11 -4.33
C HIS A 62 -28.02 12.60 -2.89
N LEU A 63 -27.01 12.08 -2.19
CA LEU A 63 -26.84 12.34 -0.76
C LEU A 63 -26.43 13.79 -0.50
N ASP A 64 -26.82 14.34 0.64
CA ASP A 64 -26.35 15.67 1.02
C ASP A 64 -26.15 15.74 2.53
N ASP A 65 -25.76 16.91 3.05
CA ASP A 65 -25.38 16.98 4.47
C ASP A 65 -26.45 16.40 5.41
N GLN A 66 -27.72 16.72 5.14
CA GLN A 66 -28.79 16.44 6.08
C GLN A 66 -29.14 14.98 5.97
N SER A 67 -29.16 14.53 4.73
CA SER A 67 -29.40 13.16 4.30
C SER A 67 -28.29 12.14 4.80
N GLN A 68 -27.04 12.60 4.86
CA GLN A 68 -25.94 11.77 5.39
C GLN A 68 -26.16 11.63 6.87
N GLU A 69 -26.56 12.73 7.52
CA GLU A 69 -26.68 12.73 8.96
C GLU A 69 -27.84 11.85 9.37
N GLY A 70 -28.86 11.76 8.51
CA GLY A 70 -30.07 11.01 8.85
C GLY A 70 -29.83 9.53 8.63
N PHE A 71 -29.11 9.22 7.55
CA PHE A 71 -28.65 7.85 7.31
C PHE A 71 -27.77 7.37 8.47
N ALA A 72 -26.85 8.21 8.92
CA ALA A 72 -25.95 7.86 10.01
C ALA A 72 -26.75 7.44 11.23
N LYS A 73 -27.86 8.16 11.46
CA LYS A 73 -28.69 7.95 12.66
C LYS A 73 -29.28 6.56 12.74
N LEU A 74 -29.37 5.87 11.60
CA LEU A 74 -29.84 4.49 11.58
C LEU A 74 -28.80 3.51 12.11
N LEU A 75 -27.51 3.92 12.09
CA LEU A 75 -26.38 3.03 12.47
C LEU A 75 -25.86 3.27 13.88
N GLY A 76 -26.12 4.46 14.43
CA GLY A 76 -25.83 4.69 15.83
C GLY A 76 -26.15 6.13 16.19
N GLU A 77 -25.61 6.61 17.31
CA GLU A 77 -25.81 8.00 17.72
C GLU A 77 -24.69 8.93 17.26
N PRO A 78 -24.96 9.87 16.33
CA PRO A 78 -23.97 10.84 15.92
C PRO A 78 -23.46 11.63 17.09
N VAL A 79 -22.19 12.01 17.01
CA VAL A 79 -21.51 12.68 18.11
C VAL A 79 -20.53 13.67 17.53
N ALA A 80 -20.65 14.95 17.94
CA ALA A 80 -19.62 15.99 17.72
C ALA A 80 -18.18 15.51 18.11
N HIS A 81 -17.13 16.12 17.53
CA HIS A 81 -15.74 15.62 17.59
C HIS A 81 -15.30 14.88 18.88
N ARG A 103 -4.89 17.36 6.71
CA ARG A 103 -4.35 16.20 5.97
C ARG A 103 -3.82 15.12 6.92
N ALA A 104 -4.61 14.06 7.05
CA ALA A 104 -4.44 13.03 8.10
C ALA A 104 -3.57 11.86 7.59
N ASN A 105 -2.38 12.22 7.10
CA ASN A 105 -1.45 11.24 6.57
C ASN A 105 -0.58 10.65 7.71
N SER A 106 -1.25 10.03 8.66
CA SER A 106 -0.53 9.33 9.68
C SER A 106 -1.50 8.28 10.11
N TRP A 107 -1.00 7.06 10.39
CA TRP A 107 -1.89 5.94 10.74
C TRP A 107 -2.53 6.17 12.10
N HIS A 108 -3.86 6.06 12.21
CA HIS A 108 -4.55 6.37 13.46
C HIS A 108 -5.89 5.70 13.55
N THR A 109 -6.34 5.53 14.78
CA THR A 109 -7.75 5.15 15.06
C THR A 109 -8.38 6.45 15.60
N ASP A 110 -9.62 6.76 15.16
CA ASP A 110 -10.12 8.10 15.42
C ASP A 110 -10.32 8.33 16.91
N VAL A 111 -9.80 9.46 17.38
CA VAL A 111 -10.05 9.96 18.73
C VAL A 111 -9.70 8.97 19.87
N THR A 112 -8.66 8.14 19.71
CA THR A 112 -8.45 7.17 20.78
C THR A 112 -7.90 7.81 22.06
N PHE A 113 -7.57 9.09 21.99
CA PHE A 113 -7.20 9.82 23.21
C PHE A 113 -8.36 10.04 24.24
N VAL A 114 -9.58 9.66 23.89
CA VAL A 114 -10.70 9.66 24.86
C VAL A 114 -11.15 8.25 25.15
N GLU A 115 -11.94 8.10 26.19
CA GLU A 115 -12.31 6.81 26.74
C GLU A 115 -13.20 6.01 25.84
N ALA A 116 -14.29 6.63 25.41
CA ALA A 116 -15.31 5.97 24.58
C ALA A 116 -15.24 6.62 23.22
N TYR A 117 -14.18 6.27 22.48
CA TYR A 117 -13.98 6.87 21.18
C TYR A 117 -14.97 6.27 20.17
N PRO A 118 -15.17 6.91 19.03
CA PRO A 118 -16.21 6.50 18.08
C PRO A 118 -16.18 5.06 17.63
N LYS A 119 -17.35 4.46 17.46
CA LYS A 119 -17.36 3.09 16.99
C LYS A 119 -17.23 3.03 15.45
N ALA A 120 -17.48 4.14 14.78
CA ALA A 120 -17.58 4.12 13.30
C ALA A 120 -17.64 5.49 12.75
N SER A 121 -17.27 5.63 11.49
CA SER A 121 -17.32 6.91 10.87
C SER A 121 -17.90 6.65 9.50
N ILE A 122 -18.65 7.63 9.00
CA ILE A 122 -19.24 7.54 7.67
C ILE A 122 -18.70 8.73 6.89
N LEU A 123 -18.06 8.49 5.74
CA LEU A 123 -17.27 9.52 5.10
C LEU A 123 -17.70 9.62 3.68
N ARG A 124 -18.10 10.83 3.25
CA ARG A 124 -18.55 11.02 1.88
C ARG A 124 -17.60 11.91 1.08
N SER A 125 -17.28 11.50 -0.13
CA SER A 125 -16.47 12.33 -0.99
C SER A 125 -17.37 13.34 -1.78
N VAL A 126 -17.19 14.63 -1.47
CA VAL A 126 -17.89 15.81 -2.05
C VAL A 126 -17.03 16.26 -3.23
N VAL A 127 -15.75 16.61 -2.99
CA VAL A 127 -14.79 16.85 -4.13
C VAL A 127 -13.58 15.92 -4.03
N ALA A 128 -13.31 15.23 -5.14
CA ALA A 128 -12.24 14.26 -5.26
C ALA A 128 -11.19 14.69 -6.28
N PRO A 129 -9.91 14.84 -5.86
CA PRO A 129 -8.83 15.15 -6.79
C PRO A 129 -8.83 14.17 -7.92
N ALA A 130 -8.39 14.60 -9.10
CA ALA A 130 -8.27 13.77 -10.28
C ALA A 130 -7.18 12.75 -10.17
N SER A 131 -6.04 13.11 -9.53
CA SER A 131 -5.04 12.08 -9.21
C SER A 131 -4.55 12.25 -7.76
N GLY A 132 -4.29 11.12 -7.08
CA GLY A 132 -4.08 11.14 -5.64
C GLY A 132 -5.31 11.26 -4.76
N GLY A 133 -5.07 11.41 -3.46
CA GLY A 133 -6.15 11.64 -2.50
C GLY A 133 -6.75 10.40 -1.88
N ASP A 134 -6.14 9.25 -2.11
CA ASP A 134 -6.60 7.97 -1.54
C ASP A 134 -6.62 7.93 -0.03
N THR A 135 -7.39 6.96 0.48
CA THR A 135 -7.40 6.62 1.88
C THR A 135 -7.12 5.13 1.97
N VAL A 136 -6.38 4.76 3.02
CA VAL A 136 -6.03 3.36 3.31
C VAL A 136 -6.59 3.01 4.63
N TRP A 137 -7.08 1.78 4.76
CA TRP A 137 -7.50 1.27 6.05
C TRP A 137 -6.69 0.03 6.36
N ALA A 138 -6.52 -0.24 7.66
CA ALA A 138 -5.82 -1.46 8.12
C ALA A 138 -6.77 -2.19 9.06
N ASN A 139 -6.74 -3.51 9.05
CA ASN A 139 -7.59 -4.35 9.86
C ASN A 139 -6.77 -4.73 11.09
N THR A 140 -7.05 -4.11 12.25
CA THR A 140 -6.30 -4.43 13.46
C THR A 140 -6.72 -5.75 14.11
N ALA A 141 -7.87 -6.37 13.70
CA ALA A 141 -8.18 -7.70 14.16
C ALA A 141 -7.35 -8.74 13.43
N ALA A 142 -7.22 -8.61 12.11
CA ALA A 142 -6.33 -9.52 11.37
C ALA A 142 -4.87 -9.35 11.84
N ALA A 143 -4.47 -8.12 12.17
CA ALA A 143 -3.10 -7.88 12.61
C ALA A 143 -2.82 -8.66 13.93
N TYR A 144 -3.77 -8.63 14.87
CA TYR A 144 -3.70 -9.40 16.11
C TYR A 144 -3.65 -10.92 15.86
N GLN A 145 -4.57 -11.40 15.05
CA GLN A 145 -4.64 -12.83 14.83
C GLN A 145 -3.38 -13.39 14.19
N GLU A 146 -2.72 -12.61 13.36
CA GLU A 146 -1.53 -13.14 12.69
C GLU A 146 -0.27 -13.18 13.58
N LEU A 147 -0.28 -12.53 14.77
CA LEU A 147 0.89 -12.57 15.67
C LEU A 147 1.12 -13.99 16.14
N PRO A 148 2.37 -14.42 16.27
CA PRO A 148 2.61 -15.72 16.92
C PRO A 148 1.98 -15.75 18.28
N GLU A 149 1.56 -16.93 18.72
CA GLU A 149 0.91 -17.02 20.03
C GLU A 149 1.57 -16.33 21.25
N PRO A 150 2.88 -16.50 21.46
CA PRO A 150 3.56 -15.79 22.58
C PRO A 150 3.42 -14.29 22.44
N LEU A 151 3.49 -13.79 21.22
CA LEU A 151 3.29 -12.36 21.01
C LEU A 151 1.85 -11.83 21.25
N ARG A 152 0.86 -12.60 20.86
CA ARG A 152 -0.54 -12.29 21.17
C ARG A 152 -0.75 -12.26 22.70
N GLU A 153 -0.15 -13.21 23.43
CA GLU A 153 -0.25 -13.27 24.90
C GLU A 153 0.35 -12.04 25.55
N LEU A 154 1.48 -11.54 25.01
CA LEU A 154 2.09 -10.33 25.53
C LEU A 154 1.18 -9.15 25.18
N ALA A 155 0.72 -9.09 23.92
CA ALA A 155 -0.21 -8.00 23.56
C ALA A 155 -1.44 -7.97 24.48
N ASP A 156 -2.01 -9.12 24.77
CA ASP A 156 -3.18 -9.19 25.65
C ASP A 156 -2.90 -8.57 27.04
N LYS A 157 -1.63 -8.33 27.38
CA LYS A 157 -1.31 -7.79 28.73
C LYS A 157 -0.92 -6.34 28.73
N LEU A 158 -0.74 -5.77 27.55
CA LEU A 158 -0.20 -4.43 27.48
C LEU A 158 -1.31 -3.39 27.56
N TRP A 159 -0.98 -2.21 28.09
CA TRP A 159 -1.82 -1.02 28.11
C TRP A 159 -1.02 0.10 27.51
N ALA A 160 -1.71 0.99 26.80
CA ALA A 160 -1.00 2.14 26.26
C ALA A 160 -1.65 3.45 26.63
N VAL A 161 -0.83 4.50 26.72
CA VAL A 161 -1.33 5.83 26.96
C VAL A 161 -1.56 6.53 25.61
N HIS A 162 -2.79 6.93 25.37
CA HIS A 162 -3.11 7.75 24.22
C HIS A 162 -3.32 9.21 24.64
N SER A 163 -2.93 10.13 23.77
CA SER A 163 -2.97 11.56 24.05
C SER A 163 -3.17 12.38 22.78
N ASN A 164 -3.91 13.49 22.87
CA ASN A 164 -3.97 14.44 21.77
C ASN A 164 -2.92 15.53 21.84
N ARG A 165 -2.01 15.45 22.82
CA ARG A 165 -0.82 16.34 22.86
C ARG A 165 0.21 15.92 21.81
N TYR A 192 -6.27 15.76 26.67
CA TYR A 192 -6.68 14.44 27.17
C TYR A 192 -5.54 13.38 27.15
N GLU A 193 -5.50 12.53 28.17
CA GLU A 193 -4.66 11.33 28.21
C GLU A 193 -5.51 10.18 28.72
N THR A 194 -5.58 9.11 27.93
CA THR A 194 -6.38 7.93 28.28
C THR A 194 -5.55 6.66 28.18
N GLU A 195 -5.78 5.76 29.14
CA GLU A 195 -5.17 4.46 29.15
C GLU A 195 -6.11 3.46 28.52
N HIS A 196 -5.64 2.80 27.47
CA HIS A 196 -6.44 1.80 26.81
C HIS A 196 -5.64 0.48 26.78
N PRO A 197 -6.30 -0.66 26.77
CA PRO A 197 -5.58 -1.92 26.54
C PRO A 197 -5.11 -1.94 25.08
N VAL A 198 -3.92 -2.50 24.87
CA VAL A 198 -3.39 -2.64 23.52
C VAL A 198 -4.32 -3.62 22.68
N VAL A 199 -4.97 -4.57 23.36
CA VAL A 199 -5.88 -5.50 22.74
C VAL A 199 -7.31 -5.27 23.24
N ARG A 200 -8.20 -4.93 22.31
CA ARG A 200 -9.63 -4.71 22.65
C ARG A 200 -10.50 -5.86 22.21
N VAL A 201 -11.43 -6.26 23.06
CA VAL A 201 -12.34 -7.32 22.68
C VAL A 201 -13.57 -6.61 22.08
N HIS A 202 -13.83 -6.91 20.81
CA HIS A 202 -14.87 -6.21 20.07
C HIS A 202 -16.26 -6.53 20.69
N PRO A 203 -17.05 -5.51 21.02
CA PRO A 203 -18.32 -5.76 21.75
C PRO A 203 -19.38 -6.52 20.95
N ILE A 204 -19.26 -6.65 19.64
CA ILE A 204 -20.23 -7.43 18.87
C ILE A 204 -19.70 -8.76 18.40
N SER A 205 -18.50 -8.76 17.84
CA SER A 205 -17.97 -10.00 17.30
C SER A 205 -17.18 -10.80 18.37
N GLY A 206 -16.75 -10.16 19.45
CA GLY A 206 -15.80 -10.79 20.35
C GLY A 206 -14.38 -10.88 19.74
N GLU A 207 -14.14 -10.32 18.56
CA GLU A 207 -12.81 -10.40 17.96
C GLU A 207 -11.85 -9.49 18.70
N ARG A 208 -10.64 -9.97 18.93
CA ARG A 208 -9.58 -9.14 19.51
C ARG A 208 -8.88 -8.30 18.46
N ALA A 209 -8.62 -7.05 18.77
CA ALA A 209 -8.02 -6.16 17.81
C ALA A 209 -7.06 -5.26 18.51
N LEU A 210 -5.95 -4.95 17.83
CA LEU A 210 -4.93 -4.05 18.35
C LEU A 210 -5.40 -2.62 18.33
N GLN A 211 -5.14 -1.93 19.43
CA GLN A 211 -5.53 -0.52 19.60
C GLN A 211 -4.29 0.32 19.73
N LEU A 212 -3.81 0.88 18.63
CA LEU A 212 -2.51 1.54 18.60
C LEU A 212 -2.65 2.78 17.77
N GLY A 213 -1.71 3.05 16.88
CA GLY A 213 -1.81 4.22 16.02
C GLY A 213 -1.21 5.50 16.60
N HIS A 214 -1.37 6.60 15.88
CA HIS A 214 -0.62 7.83 16.05
C HIS A 214 -0.83 8.49 17.43
N PHE A 215 -1.99 8.29 18.05
CA PHE A 215 -2.26 8.89 19.40
C PHE A 215 -1.53 8.22 20.55
N VAL A 216 -1.01 7.01 20.32
CA VAL A 216 -0.21 6.34 21.35
C VAL A 216 1.05 7.13 21.72
N LYS A 217 1.20 7.47 23.01
CA LYS A 217 2.38 8.19 23.49
C LYS A 217 3.42 7.21 24.04
N ARG A 218 2.99 6.18 24.76
CA ARG A 218 3.91 5.17 25.24
C ARG A 218 3.13 3.97 25.72
N ILE A 219 3.83 2.84 25.83
CA ILE A 219 3.28 1.63 26.41
C ILE A 219 3.59 1.70 27.90
N LYS A 220 2.56 1.55 28.71
CA LYS A 220 2.67 1.71 30.15
C LYS A 220 3.49 0.57 30.75
N GLY A 221 4.46 0.94 31.59
CA GLY A 221 5.23 -0.03 32.36
C GLY A 221 6.60 -0.31 31.74
N TYR A 222 6.96 0.42 30.68
CA TYR A 222 8.20 0.16 29.97
C TYR A 222 8.94 1.42 29.78
N SER A 223 10.26 1.28 29.70
CA SER A 223 11.12 2.38 29.30
C SER A 223 10.73 2.92 27.92
N LEU A 224 11.21 4.11 27.56
CA LEU A 224 10.95 4.71 26.28
C LEU A 224 11.47 3.80 25.15
N ALA A 225 12.66 3.22 25.32
CA ALA A 225 13.28 2.41 24.26
C ALA A 225 12.51 1.12 24.04
N ASP A 226 12.16 0.42 25.13
CA ASP A 226 11.35 -0.75 25.04
C ASP A 226 9.97 -0.49 24.45
N SER A 227 9.26 0.52 24.97
CA SER A 227 7.99 0.99 24.42
C SER A 227 8.07 1.18 22.88
N GLN A 228 9.10 1.83 22.39
CA GLN A 228 9.27 2.11 20.98
C GLN A 228 9.42 0.79 20.20
N HIS A 229 10.22 -0.16 20.74
CA HIS A 229 10.40 -1.46 20.05
C HIS A 229 9.10 -2.24 20.03
N LEU A 230 8.39 -2.26 21.16
CA LEU A 230 7.17 -3.02 21.27
C LEU A 230 6.06 -2.43 20.38
N PHE A 231 5.99 -1.10 20.36
CA PHE A 231 5.04 -0.43 19.50
C PHE A 231 5.40 -0.73 18.01
N ALA A 232 6.68 -0.65 17.65
CA ALA A 232 7.08 -0.89 16.27
C ALA A 232 6.72 -2.30 15.78
N VAL A 233 6.80 -3.31 16.64
CA VAL A 233 6.46 -4.68 16.23
C VAL A 233 4.94 -4.72 15.98
N LEU A 234 4.16 -4.22 16.94
CA LEU A 234 2.73 -4.46 16.90
C LEU A 234 2.08 -3.55 15.85
N GLN A 235 2.53 -2.31 15.76
CA GLN A 235 2.06 -1.39 14.78
C GLN A 235 2.52 -1.77 13.36
N GLY A 236 3.71 -2.38 13.23
CA GLY A 236 4.19 -2.86 11.93
C GLY A 236 3.32 -4.00 11.41
N HIS A 237 2.74 -4.80 12.29
CA HIS A 237 1.74 -5.81 11.87
C HIS A 237 0.46 -5.19 11.40
N VAL A 238 0.04 -4.13 12.08
CA VAL A 238 -1.19 -3.44 11.62
C VAL A 238 -1.01 -2.90 10.19
N THR A 239 0.12 -2.25 9.90
CA THR A 239 0.28 -1.60 8.63
C THR A 239 0.91 -2.45 7.53
N ARG A 240 1.18 -3.72 7.82
CA ARG A 240 1.74 -4.66 6.83
C ARG A 240 0.74 -4.57 5.64
N LEU A 241 1.24 -4.47 4.41
CA LEU A 241 0.33 -4.27 3.25
C LEU A 241 -0.82 -5.28 3.17
N GLU A 242 -0.55 -6.51 3.53
CA GLU A 242 -1.56 -7.60 3.50
C GLU A 242 -2.77 -7.31 4.33
N ASN A 243 -2.64 -6.44 5.37
CA ASN A 243 -3.78 -6.16 6.21
C ASN A 243 -4.49 -4.88 5.86
N THR A 244 -4.19 -4.35 4.67
CA THR A 244 -4.74 -3.05 4.32
C THR A 244 -5.52 -3.02 3.02
N VAL A 245 -6.28 -1.95 2.85
CA VAL A 245 -6.99 -1.73 1.58
C VAL A 245 -6.91 -0.25 1.31
N ARG A 246 -6.61 0.09 0.06
CA ARG A 246 -6.51 1.46 -0.36
C ARG A 246 -7.66 1.79 -1.31
N TRP A 247 -8.35 2.90 -1.09
CA TRP A 247 -9.52 3.25 -1.90
C TRP A 247 -9.24 4.53 -2.64
N ARG A 248 -9.43 4.52 -3.97
CA ARG A 248 -9.31 5.77 -4.73
C ARG A 248 -10.72 6.38 -4.90
N TRP A 249 -10.92 7.57 -4.35
CA TRP A 249 -12.19 8.16 -4.29
C TRP A 249 -12.70 8.79 -5.63
N GLU A 250 -14.02 8.69 -5.83
CA GLU A 250 -14.81 9.45 -6.84
C GLU A 250 -15.90 10.20 -6.12
N ALA A 251 -16.28 11.36 -6.62
CA ALA A 251 -17.30 12.19 -5.95
C ALA A 251 -18.56 11.30 -5.75
N GLY A 252 -19.19 11.41 -4.59
CA GLY A 252 -20.32 10.54 -4.29
C GLY A 252 -19.99 9.17 -3.65
N ASP A 253 -18.70 8.81 -3.50
CA ASP A 253 -18.32 7.56 -2.81
C ASP A 253 -18.57 7.80 -1.34
N VAL A 254 -19.01 6.78 -0.65
CA VAL A 254 -19.17 6.83 0.80
C VAL A 254 -18.42 5.60 1.38
N ALA A 255 -17.60 5.85 2.41
CA ALA A 255 -16.95 4.72 3.15
C ALA A 255 -17.46 4.75 4.59
N ILE A 256 -17.66 3.57 5.14
CA ILE A 256 -18.01 3.46 6.56
C ILE A 256 -17.00 2.44 7.12
N TRP A 257 -16.38 2.76 8.23
CA TRP A 257 -15.49 1.78 8.81
C TRP A 257 -15.76 1.61 10.28
N ASP A 258 -15.37 0.42 10.77
CA ASP A 258 -15.51 0.03 12.16
C ASP A 258 -14.23 0.47 12.86
N ASN A 259 -14.34 1.60 13.52
CA ASN A 259 -13.26 2.27 14.15
C ASN A 259 -12.76 1.46 15.35
N ARG A 260 -13.47 0.40 15.72
CA ARG A 260 -13.03 -0.45 16.81
C ARG A 260 -11.96 -1.46 16.33
N ALA A 261 -11.84 -1.64 15.01
CA ALA A 261 -11.00 -2.71 14.52
C ALA A 261 -10.23 -2.28 13.28
N THR A 262 -9.98 -0.97 13.13
CA THR A 262 -9.16 -0.49 12.07
C THR A 262 -8.32 0.67 12.50
N GLN A 263 -7.39 1.02 11.61
CA GLN A 263 -6.77 2.32 11.55
C GLN A 263 -6.92 2.81 10.10
N HIS A 264 -6.63 4.07 9.85
CA HIS A 264 -6.67 4.56 8.49
C HIS A 264 -5.67 5.69 8.34
N TYR A 265 -5.46 6.10 7.09
CA TYR A 265 -4.41 7.01 6.73
C TYR A 265 -4.88 7.68 5.43
N ALA A 266 -4.85 9.00 5.42
CA ALA A 266 -5.22 9.76 4.23
C ALA A 266 -3.95 10.18 3.50
N VAL A 267 -3.76 9.71 2.25
CA VAL A 267 -2.53 9.90 1.50
C VAL A 267 -2.47 11.30 0.99
N ASP A 268 -1.33 11.95 1.23
CA ASP A 268 -1.24 13.39 0.92
C ASP A 268 -0.35 13.58 -0.29
N ASP A 269 -0.85 13.12 -1.46
CA ASP A 269 -0.05 13.10 -2.67
C ASP A 269 -0.71 13.90 -3.77
N TYR A 270 -1.67 14.77 -3.39
CA TYR A 270 -2.51 15.42 -4.39
C TYR A 270 -2.24 16.93 -4.50
N GLY A 271 -1.28 17.43 -3.71
CA GLY A 271 -0.76 18.77 -3.91
C GLY A 271 -1.85 19.77 -3.62
N THR A 272 -2.11 20.68 -4.56
CA THR A 272 -3.11 21.74 -4.36
C THR A 272 -4.47 21.40 -5.01
N GLN A 273 -4.61 20.25 -5.68
CA GLN A 273 -5.94 19.78 -6.07
C GLN A 273 -6.95 19.84 -4.90
N PRO A 274 -8.15 20.37 -5.18
CA PRO A 274 -9.20 20.43 -4.17
C PRO A 274 -9.66 19.04 -3.76
N ARG A 275 -9.94 18.89 -2.46
CA ARG A 275 -10.38 17.65 -1.89
C ARG A 275 -11.23 18.01 -0.70
N ILE A 276 -12.48 17.61 -0.78
CA ILE A 276 -13.42 17.91 0.32
C ILE A 276 -14.22 16.68 0.66
N VAL A 277 -14.18 16.30 1.94
CA VAL A 277 -14.90 15.11 2.37
C VAL A 277 -15.68 15.49 3.61
N ARG A 278 -16.84 14.85 3.75
CA ARG A 278 -17.68 15.06 4.94
C ARG A 278 -18.01 13.84 5.77
N ARG A 279 -17.73 13.96 7.06
CA ARG A 279 -17.75 12.84 7.98
C ARG A 279 -18.78 13.03 9.09
N VAL A 280 -19.56 11.98 9.30
CA VAL A 280 -20.32 11.84 10.54
C VAL A 280 -19.68 10.73 11.34
N THR A 281 -19.51 10.96 12.63
CA THR A 281 -18.92 9.97 13.47
C THR A 281 -19.94 9.48 14.50
N LEU A 282 -19.97 8.17 14.78
CA LEU A 282 -20.92 7.56 15.69
C LEU A 282 -20.34 7.16 17.01
N ALA A 283 -21.07 7.44 18.09
CA ALA A 283 -20.51 7.31 19.45
C ALA A 283 -20.22 5.87 19.73
N GLY A 284 -19.13 5.60 20.44
CA GLY A 284 -18.78 4.22 20.77
C GLY A 284 -18.74 3.90 22.25
N GLU A 285 -18.36 2.68 22.58
CA GLU A 285 -18.36 2.23 23.98
C GLU A 285 -16.96 2.40 24.62
N VAL A 286 -16.90 2.28 25.94
CA VAL A 286 -15.58 2.11 26.59
C VAL A 286 -14.99 0.73 26.20
N PRO A 287 -13.74 0.73 25.70
CA PRO A 287 -13.03 -0.52 25.40
C PRO A 287 -12.90 -1.48 26.58
N VAL A 288 -13.07 -2.76 26.31
CA VAL A 288 -12.84 -3.81 27.28
C VAL A 288 -11.62 -4.63 26.79
N GLY A 289 -10.63 -4.84 27.68
CA GLY A 289 -9.47 -5.71 27.42
C GLY A 289 -9.80 -7.17 27.58
N VAL A 290 -8.81 -8.03 27.35
CA VAL A 290 -9.00 -9.47 27.32
C VAL A 290 -9.40 -9.95 28.75
N ASP A 291 -8.89 -9.26 29.77
CA ASP A 291 -9.20 -9.65 31.15
C ASP A 291 -10.47 -8.97 31.70
N GLY A 292 -11.08 -8.11 30.89
CA GLY A 292 -12.29 -7.42 31.27
C GLY A 292 -12.06 -6.06 31.90
N GLN A 293 -10.82 -5.62 32.01
CA GLN A 293 -10.60 -4.26 32.51
C GLN A 293 -11.06 -3.24 31.46
N LEU A 294 -11.31 -2.02 31.91
CA LEU A 294 -11.91 -0.96 31.10
C LEU A 294 -10.93 0.14 30.92
N SER A 295 -10.92 0.75 29.74
CA SER A 295 -10.12 1.95 29.51
C SER A 295 -10.48 3.05 30.54
N ARG A 296 -9.54 3.94 30.83
CA ARG A 296 -9.79 5.03 31.75
C ARG A 296 -9.03 6.27 31.38
N THR A 297 -9.74 7.39 31.27
CA THR A 297 -9.12 8.70 31.10
C THR A 297 -8.44 9.07 32.39
N THR A 298 -7.21 9.56 32.30
CA THR A 298 -6.39 9.86 33.47
C THR A 298 -5.92 11.32 33.55
N ARG A 299 -6.20 12.14 32.52
CA ARG A 299 -5.82 13.55 32.54
C ARG A 299 -6.71 14.35 31.61
N GLU B 14 0.66 11.72 -28.72
CA GLU B 14 -0.17 11.96 -27.52
C GLU B 14 -1.07 10.77 -27.13
N LEU B 15 -0.58 9.93 -26.21
CA LEU B 15 -1.37 8.81 -25.65
C LEU B 15 -2.47 9.29 -24.70
N ASP B 16 -3.51 8.48 -24.56
CA ASP B 16 -4.54 8.70 -23.54
C ASP B 16 -4.00 8.11 -22.20
N VAL B 17 -3.37 8.98 -21.41
CA VAL B 17 -2.67 8.61 -20.17
C VAL B 17 -3.47 9.10 -18.97
N HIS B 18 -3.79 8.19 -18.04
CA HIS B 18 -4.57 8.52 -16.84
C HIS B 18 -3.76 8.14 -15.56
N PRO B 19 -3.21 9.16 -14.91
CA PRO B 19 -2.44 8.93 -13.66
C PRO B 19 -3.29 8.24 -12.61
N VAL B 20 -2.71 7.28 -11.91
CA VAL B 20 -3.41 6.46 -10.90
C VAL B 20 -3.22 7.05 -9.48
N ALA B 21 -1.98 7.32 -9.08
CA ALA B 21 -1.74 7.99 -7.78
C ALA B 21 -1.06 9.32 -8.04
N GLY B 22 -0.91 10.14 -7.01
CA GLY B 22 -0.37 11.47 -7.21
C GLY B 22 1.06 11.47 -7.65
N ARG B 23 1.89 10.51 -7.22
CA ARG B 23 3.30 10.67 -7.52
C ARG B 23 3.89 9.54 -8.33
N ILE B 24 3.04 8.62 -8.79
CA ILE B 24 3.57 7.50 -9.56
C ILE B 24 2.39 6.76 -10.18
N GLY B 25 2.57 6.21 -11.38
CA GLY B 25 1.59 5.27 -11.89
C GLY B 25 0.66 5.94 -12.87
N ALA B 26 0.46 5.30 -14.05
CA ALA B 26 -0.54 5.83 -14.99
C ALA B 26 -1.14 4.73 -15.87
N GLU B 27 -2.44 4.72 -16.02
CA GLU B 27 -3.06 3.78 -16.97
C GLU B 27 -3.04 4.39 -18.39
N ILE B 28 -2.68 3.58 -19.38
CA ILE B 28 -2.66 4.03 -20.76
C ILE B 28 -3.85 3.37 -21.45
N ARG B 29 -4.79 4.18 -21.93
CA ARG B 29 -5.93 3.62 -22.64
C ARG B 29 -5.81 3.67 -24.20
N GLY B 30 -6.71 2.95 -24.88
CA GLY B 30 -6.79 3.00 -26.33
C GLY B 30 -5.61 2.39 -27.06
N VAL B 31 -4.87 1.50 -26.40
CA VAL B 31 -3.69 0.89 -27.03
C VAL B 31 -3.78 -0.61 -26.82
N LYS B 32 -3.53 -1.35 -27.90
CA LYS B 32 -3.55 -2.79 -27.87
C LYS B 32 -2.13 -3.19 -28.11
N LEU B 33 -1.48 -3.79 -27.11
CA LEU B 33 -0.06 -4.17 -27.19
C LEU B 33 0.13 -5.35 -28.14
N SER B 34 1.22 -5.33 -28.88
CA SER B 34 1.48 -6.36 -29.88
C SER B 34 2.89 -6.22 -30.41
N PRO B 35 3.40 -7.27 -31.04
CA PRO B 35 4.72 -7.20 -31.68
C PRO B 35 4.78 -6.24 -32.91
N ASP B 36 3.65 -5.68 -33.32
CA ASP B 36 3.57 -4.80 -34.49
C ASP B 36 3.28 -3.33 -34.25
N LEU B 37 3.61 -2.82 -33.05
CA LEU B 37 3.31 -1.41 -32.76
C LEU B 37 4.29 -0.51 -33.46
N ASP B 38 3.82 0.66 -33.90
CA ASP B 38 4.71 1.58 -34.63
C ASP B 38 5.72 2.30 -33.70
N ALA B 39 6.85 2.77 -34.27
CA ALA B 39 7.91 3.39 -33.49
C ALA B 39 7.40 4.54 -32.61
N ALA B 40 6.31 5.21 -33.03
CA ALA B 40 5.77 6.41 -32.37
C ALA B 40 5.06 6.03 -31.10
N THR B 41 4.24 4.98 -31.18
CA THR B 41 3.55 4.42 -30.03
C THR B 41 4.57 3.84 -29.09
N VAL B 42 5.52 3.09 -29.61
CA VAL B 42 6.56 2.62 -28.76
C VAL B 42 7.25 3.82 -28.02
N GLU B 43 7.56 4.91 -28.74
CA GLU B 43 8.33 5.99 -28.15
C GLU B 43 7.51 6.66 -27.07
N ALA B 44 6.21 6.84 -27.34
CA ALA B 44 5.32 7.47 -26.41
C ALA B 44 5.12 6.59 -25.16
N ILE B 45 5.25 5.26 -25.32
CA ILE B 45 5.16 4.31 -24.21
C ILE B 45 6.42 4.41 -23.35
N GLN B 46 7.56 4.53 -24.01
CA GLN B 46 8.83 4.61 -23.32
C GLN B 46 8.93 5.91 -22.48
N ALA B 47 8.37 6.99 -23.01
CA ALA B 47 8.35 8.27 -22.34
C ALA B 47 7.36 8.28 -21.15
N ALA B 48 6.17 7.71 -21.32
CA ALA B 48 5.18 7.59 -20.24
C ALA B 48 5.79 6.75 -19.13
N LEU B 49 6.55 5.74 -19.51
CA LEU B 49 7.24 4.91 -18.54
C LEU B 49 8.33 5.63 -17.71
N VAL B 50 9.17 6.41 -18.37
CA VAL B 50 10.17 7.16 -17.66
C VAL B 50 9.49 8.16 -16.72
N ARG B 51 8.45 8.84 -17.20
CA ARG B 51 7.76 9.86 -16.42
C ARG B 51 6.95 9.29 -15.23
N HIS B 52 6.27 8.17 -15.43
CA HIS B 52 5.31 7.67 -14.46
C HIS B 52 5.74 6.48 -13.64
N LYS B 53 6.87 5.92 -14.08
CA LYS B 53 7.61 4.87 -13.43
C LYS B 53 6.97 3.53 -13.57
N VAL B 54 5.65 3.49 -13.52
CA VAL B 54 4.90 2.26 -13.83
C VAL B 54 3.68 2.60 -14.65
N ILE B 55 3.47 1.78 -15.70
CA ILE B 55 2.28 2.04 -16.53
C ILE B 55 1.46 0.78 -16.67
N PHE B 56 0.16 0.98 -16.85
CA PHE B 56 -0.80 -0.11 -16.86
C PHE B 56 -1.63 -0.12 -18.19
N PHE B 57 -1.90 -1.30 -18.71
CA PHE B 57 -2.76 -1.51 -19.90
C PHE B 57 -3.77 -2.57 -19.58
N ARG B 58 -5.04 -2.22 -19.58
CA ARG B 58 -6.10 -3.18 -19.29
C ARG B 58 -6.63 -3.83 -20.59
N GLY B 59 -7.31 -4.96 -20.43
CA GLY B 59 -8.00 -5.63 -21.54
C GLY B 59 -7.11 -6.14 -22.65
N GLN B 60 -5.92 -6.60 -22.29
CA GLN B 60 -4.99 -7.11 -23.26
C GLN B 60 -5.25 -8.62 -23.41
N THR B 61 -6.51 -8.96 -23.52
CA THR B 61 -6.89 -10.39 -23.54
C THR B 61 -6.47 -11.17 -24.80
N HIS B 62 -6.13 -10.47 -25.87
CA HIS B 62 -5.59 -11.07 -27.10
C HIS B 62 -4.14 -11.53 -26.90
N LEU B 63 -3.45 -10.94 -25.93
CA LEU B 63 -2.01 -11.19 -25.77
C LEU B 63 -1.78 -12.64 -25.36
N ASP B 64 -0.67 -13.24 -25.81
CA ASP B 64 -0.29 -14.56 -25.33
C ASP B 64 1.20 -14.64 -25.14
N ASP B 65 1.72 -15.79 -24.78
CA ASP B 65 3.13 -15.93 -24.47
C ASP B 65 4.09 -15.35 -25.53
N GLN B 66 3.87 -15.71 -26.80
CA GLN B 66 4.78 -15.37 -27.89
C GLN B 66 4.65 -13.89 -28.20
N SER B 67 3.41 -13.45 -28.17
CA SER B 67 3.02 -12.09 -28.43
C SER B 67 3.52 -11.07 -27.32
N GLN B 68 3.58 -11.54 -26.07
CA GLN B 68 4.07 -10.72 -24.98
C GLN B 68 5.56 -10.56 -25.21
N GLU B 69 6.22 -11.66 -25.52
CA GLU B 69 7.63 -11.67 -25.78
C GLU B 69 8.04 -10.80 -26.99
N GLY B 70 7.18 -10.74 -28.02
CA GLY B 70 7.48 -9.99 -29.22
C GLY B 70 7.22 -8.52 -28.99
N PHE B 71 6.17 -8.21 -28.24
CA PHE B 71 5.97 -6.84 -27.80
C PHE B 71 7.19 -6.34 -27.01
N ALA B 72 7.68 -7.17 -26.12
CA ALA B 72 8.75 -6.77 -25.22
C ALA B 72 9.94 -6.33 -26.05
N LYS B 73 10.12 -7.05 -27.17
CA LYS B 73 11.29 -6.87 -28.00
C LYS B 73 11.35 -5.46 -28.55
N LEU B 74 10.20 -4.82 -28.67
CA LEU B 74 10.16 -3.46 -29.12
C LEU B 74 10.67 -2.44 -28.09
N LEU B 75 10.79 -2.84 -26.83
CA LEU B 75 11.12 -1.89 -25.75
C LEU B 75 12.55 -2.05 -25.31
N GLY B 76 13.14 -3.21 -25.56
CA GLY B 76 14.54 -3.48 -25.25
C GLY B 76 14.87 -4.94 -25.51
N GLU B 77 15.98 -5.42 -24.94
CA GLU B 77 16.44 -6.77 -25.18
C GLU B 77 16.03 -7.73 -24.06
N PRO B 78 15.08 -8.64 -24.32
CA PRO B 78 14.65 -9.61 -23.32
C PRO B 78 15.82 -10.36 -22.84
N VAL B 79 15.81 -10.70 -21.56
CA VAL B 79 16.88 -11.49 -20.97
C VAL B 79 16.29 -12.52 -20.01
N ALA B 80 16.75 -13.77 -20.09
CA ALA B 80 16.50 -14.78 -19.05
C ALA B 80 16.86 -14.22 -17.65
N HIS B 81 16.08 -14.60 -16.63
CA HIS B 81 16.30 -14.13 -15.26
C HIS B 81 17.73 -14.41 -14.75
N PRO B 85 14.32 -21.13 -14.96
CA PRO B 85 13.71 -21.77 -16.14
C PRO B 85 12.53 -20.96 -16.71
N VAL B 86 12.13 -21.24 -17.96
CA VAL B 86 11.19 -20.41 -18.70
C VAL B 86 9.96 -21.15 -19.22
N VAL B 87 8.87 -20.41 -19.35
CA VAL B 87 7.64 -20.90 -19.95
C VAL B 87 7.94 -21.51 -21.32
N ASP B 88 7.29 -22.65 -21.62
CA ASP B 88 7.56 -23.41 -22.83
C ASP B 88 6.97 -22.80 -24.09
N GLY B 89 7.67 -22.96 -25.21
CA GLY B 89 7.35 -22.22 -26.43
C GLY B 89 7.87 -20.79 -26.41
N THR B 90 8.62 -20.43 -25.36
CA THR B 90 9.23 -19.09 -25.19
C THR B 90 10.74 -19.17 -24.83
N ARG B 91 11.47 -18.09 -25.12
CA ARG B 91 12.90 -17.98 -24.77
C ARG B 91 13.13 -17.25 -23.44
N TYR B 92 12.18 -16.41 -23.04
CA TYR B 92 12.43 -15.39 -22.05
C TYR B 92 11.35 -15.28 -20.97
N LEU B 93 10.21 -15.91 -21.20
CA LEU B 93 9.04 -15.69 -20.36
C LEU B 93 9.13 -16.43 -19.04
N LEU B 94 9.05 -15.68 -17.93
CA LEU B 94 9.05 -16.27 -16.59
C LEU B 94 7.63 -16.28 -15.97
N GLN B 95 7.25 -17.41 -15.36
CA GLN B 95 5.97 -17.51 -14.64
C GLN B 95 6.15 -17.35 -13.13
N LEU B 96 5.31 -16.57 -12.49
CA LEU B 96 5.21 -16.61 -11.02
C LEU B 96 3.83 -17.12 -10.60
N ASP B 97 3.81 -18.24 -9.85
CA ASP B 97 2.58 -18.95 -9.50
C ASP B 97 2.40 -19.18 -7.98
N ARG B 103 6.04 -16.28 -3.61
CA ARG B 103 5.29 -15.04 -3.36
C ARG B 103 6.22 -13.88 -2.93
N ALA B 104 6.19 -12.78 -3.70
CA ALA B 104 7.23 -11.73 -3.64
C ALA B 104 6.78 -10.54 -2.74
N ASN B 105 6.31 -10.90 -1.54
CA ASN B 105 5.75 -9.90 -0.62
C ASN B 105 6.89 -9.27 0.23
N SER B 106 7.81 -8.63 -0.45
CA SER B 106 8.94 -7.96 0.20
C SER B 106 9.37 -6.95 -0.82
N TRP B 107 9.61 -5.73 -0.36
CA TRP B 107 9.97 -4.64 -1.24
C TRP B 107 11.33 -4.87 -1.87
N HIS B 108 11.42 -4.64 -3.17
CA HIS B 108 12.64 -5.02 -3.90
C HIS B 108 12.65 -4.40 -5.27
N THR B 109 13.84 -4.14 -5.76
CA THR B 109 14.08 -3.83 -7.17
C THR B 109 14.60 -5.14 -7.82
N ASP B 110 14.17 -5.47 -9.04
CA ASP B 110 14.43 -6.84 -9.57
C ASP B 110 15.90 -7.05 -9.86
N VAL B 111 16.43 -8.15 -9.33
CA VAL B 111 17.77 -8.66 -9.59
C VAL B 111 18.94 -7.73 -9.25
N THR B 112 18.82 -6.88 -8.23
CA THR B 112 19.93 -5.93 -7.99
C THR B 112 21.16 -6.58 -7.42
N PHE B 113 21.08 -7.87 -7.12
CA PHE B 113 22.29 -8.59 -6.73
C PHE B 113 23.32 -8.77 -7.91
N VAL B 114 22.94 -8.35 -9.13
CA VAL B 114 23.85 -8.37 -10.28
C VAL B 114 24.14 -6.96 -10.76
N GLU B 115 25.20 -6.83 -11.56
CA GLU B 115 25.75 -5.53 -11.91
C GLU B 115 24.86 -4.75 -12.77
N ALA B 116 24.42 -5.37 -13.87
CA ALA B 116 23.58 -4.71 -14.84
C ALA B 116 22.23 -5.37 -14.74
N TYR B 117 21.49 -5.02 -13.68
CA TYR B 117 20.17 -5.63 -13.46
C TYR B 117 19.20 -5.04 -14.47
N PRO B 118 18.04 -5.67 -14.68
CA PRO B 118 17.08 -5.24 -15.71
C PRO B 118 16.59 -3.82 -15.65
N LYS B 119 16.35 -3.21 -16.80
CA LYS B 119 15.89 -1.85 -16.80
C LYS B 119 14.37 -1.74 -16.65
N ALA B 120 13.66 -2.81 -16.97
CA ALA B 120 12.21 -2.77 -17.01
C ALA B 120 11.68 -4.18 -17.03
N SER B 121 10.40 -4.35 -16.66
CA SER B 121 9.80 -5.65 -16.64
C SER B 121 8.41 -5.44 -17.16
N ILE B 122 7.85 -6.45 -17.84
CA ILE B 122 6.52 -6.37 -18.44
C ILE B 122 5.79 -7.56 -17.90
N LEU B 123 4.69 -7.31 -17.21
CA LEU B 123 4.06 -8.35 -16.42
C LEU B 123 2.61 -8.43 -16.81
N ARG B 124 2.15 -9.65 -17.07
CA ARG B 124 0.77 -9.82 -17.53
C ARG B 124 0.06 -10.75 -16.59
N SER B 125 -1.15 -10.39 -16.25
CA SER B 125 -1.98 -11.21 -15.43
C SER B 125 -2.74 -12.26 -16.30
N VAL B 126 -2.45 -13.53 -16.04
CA VAL B 126 -3.09 -14.70 -16.71
C VAL B 126 -4.29 -15.22 -15.86
N VAL B 127 -4.04 -15.47 -14.57
CA VAL B 127 -5.12 -15.72 -13.60
C VAL B 127 -5.02 -14.76 -12.39
N ALA B 128 -6.13 -14.12 -12.10
CA ALA B 128 -6.23 -13.06 -11.12
C ALA B 128 -7.25 -13.41 -10.02
N PRO B 129 -6.81 -13.52 -8.75
CA PRO B 129 -7.73 -13.76 -7.64
C PRO B 129 -8.91 -12.80 -7.65
N ALA B 130 -10.08 -13.31 -7.27
CA ALA B 130 -11.28 -12.50 -7.13
C ALA B 130 -11.13 -11.45 -6.04
N SER B 131 -10.42 -11.79 -4.96
CA SER B 131 -10.07 -10.75 -3.96
C SER B 131 -8.60 -10.92 -3.50
N GLY B 132 -7.89 -9.81 -3.34
CA GLY B 132 -6.47 -9.80 -3.05
C GLY B 132 -5.62 -9.95 -4.31
N GLY B 133 -4.31 -10.10 -4.09
CA GLY B 133 -3.31 -10.36 -5.09
C GLY B 133 -2.77 -9.13 -5.76
N ASP B 134 -2.99 -7.96 -5.14
CA ASP B 134 -2.40 -6.70 -5.66
C ASP B 134 -0.91 -6.68 -5.71
N THR B 135 -0.39 -5.74 -6.49
CA THR B 135 1.00 -5.38 -6.55
C THR B 135 1.09 -3.87 -6.23
N VAL B 136 2.19 -3.47 -5.58
CA VAL B 136 2.39 -2.08 -5.26
C VAL B 136 3.73 -1.67 -5.77
N TRP B 137 3.83 -0.47 -6.33
CA TRP B 137 5.14 0.02 -6.71
C TRP B 137 5.47 1.28 -5.89
N ALA B 138 6.78 1.58 -5.75
CA ALA B 138 7.22 2.80 -5.07
C ALA B 138 8.18 3.51 -6.01
N ASN B 139 8.11 4.84 -6.05
CA ASN B 139 8.96 5.67 -6.88
C ASN B 139 10.21 6.07 -6.06
N THR B 140 11.36 5.50 -6.37
CA THR B 140 12.58 5.75 -5.67
C THR B 140 13.25 7.03 -6.09
N ALA B 141 12.76 7.67 -7.16
CA ALA B 141 13.27 8.96 -7.52
C ALA B 141 12.57 10.03 -6.71
N ALA B 142 11.26 9.91 -6.57
CA ALA B 142 10.54 10.82 -5.67
C ALA B 142 11.03 10.64 -4.23
N ALA B 143 11.31 9.39 -3.83
CA ALA B 143 11.86 9.15 -2.50
C ALA B 143 13.17 9.90 -2.24
N TYR B 144 14.10 9.87 -3.21
CA TYR B 144 15.32 10.64 -3.15
C TYR B 144 15.08 12.15 -3.07
N GLN B 145 14.19 12.67 -3.93
CA GLN B 145 14.01 14.10 -3.99
C GLN B 145 13.41 14.65 -2.69
N GLU B 146 12.62 13.87 -1.98
CA GLU B 146 11.95 14.42 -0.82
C GLU B 146 12.89 14.48 0.42
N LEU B 147 14.07 13.88 0.35
CA LEU B 147 14.97 13.83 1.52
C LEU B 147 15.47 15.25 1.78
N PRO B 148 15.61 15.69 3.03
CA PRO B 148 16.30 16.95 3.32
C PRO B 148 17.69 16.97 2.70
N GLU B 149 18.17 18.12 2.26
CA GLU B 149 19.42 18.19 1.54
C GLU B 149 20.61 17.48 2.16
N PRO B 150 20.83 17.64 3.47
CA PRO B 150 21.98 16.97 4.09
C PRO B 150 21.87 15.45 3.99
N LEU B 151 20.67 14.91 4.02
CA LEU B 151 20.46 13.49 3.87
C LEU B 151 20.65 13.01 2.40
N ARG B 152 20.21 13.80 1.41
CA ARG B 152 20.53 13.53 -0.02
C ARG B 152 22.04 13.49 -0.20
N GLU B 153 22.76 14.45 0.43
CA GLU B 153 24.22 14.50 0.27
C GLU B 153 24.88 13.29 0.87
N LEU B 154 24.37 12.80 1.99
CA LEU B 154 24.89 11.56 2.56
C LEU B 154 24.58 10.37 1.62
N ALA B 155 23.31 10.27 1.20
CA ALA B 155 22.90 9.16 0.30
C ALA B 155 23.78 9.15 -0.94
N ASP B 156 24.05 10.33 -1.54
CA ASP B 156 24.98 10.44 -2.69
C ASP B 156 26.32 9.74 -2.50
N LYS B 157 26.70 9.45 -1.25
CA LYS B 157 28.04 8.97 -0.97
C LYS B 157 28.00 7.53 -0.56
N LEU B 158 26.81 6.96 -0.39
CA LEU B 158 26.76 5.64 0.16
C LEU B 158 26.79 4.59 -0.95
N TRP B 159 27.29 3.41 -0.58
CA TRP B 159 27.36 2.20 -1.41
C TRP B 159 26.78 1.08 -0.66
N ALA B 160 26.06 0.21 -1.35
CA ALA B 160 25.48 -0.92 -0.66
C ALA B 160 25.85 -2.23 -1.34
N VAL B 161 25.98 -3.27 -0.54
CA VAL B 161 26.24 -4.61 -1.04
C VAL B 161 24.89 -5.28 -1.18
N HIS B 162 24.57 -5.64 -2.42
CA HIS B 162 23.41 -6.48 -2.70
C HIS B 162 23.83 -7.96 -2.92
N SER B 163 22.94 -8.89 -2.59
CA SER B 163 23.26 -10.30 -2.56
C SER B 163 21.99 -11.11 -2.69
N ASN B 164 22.08 -12.24 -3.42
CA ASN B 164 20.98 -13.20 -3.44
C ASN B 164 21.09 -14.28 -2.37
N ARG B 165 22.08 -14.21 -1.50
CA ARG B 165 22.16 -15.10 -0.32
C ARG B 165 21.15 -14.68 0.78
N VAL B 191 24.91 -17.65 -6.59
CA VAL B 191 25.33 -16.89 -5.40
C VAL B 191 26.22 -15.68 -5.74
N TYR B 192 25.60 -14.50 -5.89
CA TYR B 192 26.26 -13.25 -6.27
C TYR B 192 26.26 -12.19 -5.15
N GLU B 193 27.32 -11.37 -5.10
CA GLU B 193 27.36 -10.14 -4.30
C GLU B 193 27.83 -9.00 -5.17
N THR B 194 27.02 -7.93 -5.29
CA THR B 194 27.36 -6.73 -6.08
C THR B 194 27.29 -5.46 -5.24
N GLU B 195 28.25 -4.56 -5.47
CA GLU B 195 28.30 -3.25 -4.83
C GLU B 195 27.66 -2.26 -5.75
N HIS B 196 26.63 -1.59 -5.26
CA HIS B 196 25.93 -0.59 -6.05
C HIS B 196 25.97 0.73 -5.26
N PRO B 197 25.94 1.86 -5.92
CA PRO B 197 25.77 3.11 -5.19
C PRO B 197 24.31 3.14 -4.72
N VAL B 198 24.09 3.81 -3.61
CA VAL B 198 22.75 3.92 -3.04
C VAL B 198 21.92 4.85 -3.89
N VAL B 199 22.56 5.81 -4.55
CA VAL B 199 21.85 6.71 -5.40
C VAL B 199 22.34 6.45 -6.86
N ARG B 200 21.40 6.19 -7.76
CA ARG B 200 21.72 5.97 -9.18
C ARG B 200 21.23 7.14 -10.00
N VAL B 201 22.05 7.60 -10.95
CA VAL B 201 21.63 8.65 -11.89
C VAL B 201 21.04 7.93 -13.08
N HIS B 202 19.77 8.20 -13.34
CA HIS B 202 19.04 7.49 -14.38
C HIS B 202 19.61 7.84 -15.76
N PRO B 203 19.98 6.79 -16.55
CA PRO B 203 20.64 6.99 -17.86
C PRO B 203 19.86 7.75 -18.89
N ILE B 204 18.53 7.85 -18.79
CA ILE B 204 17.74 8.63 -19.72
C ILE B 204 17.28 9.96 -19.18
N SER B 205 16.62 9.96 -18.01
CA SER B 205 16.13 11.18 -17.41
C SER B 205 17.24 11.94 -16.70
N GLY B 206 18.28 11.28 -16.24
CA GLY B 206 19.20 11.97 -15.35
C GLY B 206 18.69 12.15 -13.90
N GLU B 207 17.50 11.64 -13.60
CA GLU B 207 16.93 11.69 -12.26
C GLU B 207 17.68 10.80 -11.32
N ARG B 208 17.88 11.28 -10.09
CA ARG B 208 18.54 10.41 -9.11
C ARG B 208 17.51 9.58 -8.39
N ALA B 209 17.82 8.35 -8.03
CA ALA B 209 16.84 7.46 -7.41
C ALA B 209 17.57 6.61 -6.44
N LEU B 210 16.92 6.22 -5.35
CA LEU B 210 17.51 5.35 -4.35
C LEU B 210 17.51 3.92 -4.87
N GLN B 211 18.60 3.18 -4.59
CA GLN B 211 18.72 1.78 -4.99
C GLN B 211 18.94 0.98 -3.74
N LEU B 212 17.84 0.42 -3.22
CA LEU B 212 17.86 -0.24 -1.92
C LEU B 212 17.03 -1.51 -2.07
N GLY B 213 16.16 -1.80 -1.12
CA GLY B 213 15.33 -3.00 -1.28
C GLY B 213 15.85 -4.20 -0.55
N HIS B 214 15.15 -5.31 -0.74
CA HIS B 214 15.32 -6.59 -0.09
C HIS B 214 16.70 -7.26 -0.32
N PHE B 215 17.33 -7.00 -1.47
CA PHE B 215 18.62 -7.65 -1.76
C PHE B 215 19.80 -6.97 -1.11
N VAL B 216 19.60 -5.79 -0.50
CA VAL B 216 20.66 -5.16 0.24
C VAL B 216 21.01 -5.97 1.49
N LYS B 217 22.27 -6.35 1.61
CA LYS B 217 22.76 -7.02 2.82
C LYS B 217 23.35 -6.02 3.83
N ARG B 218 24.04 -4.99 3.34
CA ARG B 218 24.57 -3.96 4.21
C ARG B 218 25.01 -2.75 3.45
N ILE B 219 25.17 -1.63 4.15
CA ILE B 219 25.73 -0.42 3.56
C ILE B 219 27.23 -0.55 3.84
N LYS B 220 28.03 -0.40 2.81
CA LYS B 220 29.48 -0.58 2.93
C LYS B 220 30.06 0.57 3.77
N GLY B 221 30.95 0.22 4.72
CA GLY B 221 31.69 1.20 5.52
C GLY B 221 31.15 1.40 6.94
N TYR B 222 30.12 0.65 7.30
CA TYR B 222 29.37 0.95 8.51
C TYR B 222 29.20 -0.32 9.25
N SER B 223 29.15 -0.23 10.57
CA SER B 223 28.75 -1.36 11.38
C SER B 223 27.36 -1.85 11.01
N LEU B 224 26.99 -3.01 11.54
CA LEU B 224 25.68 -3.60 11.32
C LEU B 224 24.51 -2.76 11.86
N ALA B 225 24.65 -2.30 13.09
CA ALA B 225 23.71 -1.38 13.71
C ALA B 225 23.55 -0.10 12.91
N ASP B 226 24.64 0.59 12.55
CA ASP B 226 24.52 1.83 11.80
C ASP B 226 23.90 1.59 10.40
N SER B 227 24.34 0.53 9.75
CA SER B 227 23.82 0.13 8.42
C SER B 227 22.29 -0.04 8.50
N GLN B 228 21.84 -0.71 9.54
CA GLN B 228 20.41 -0.97 9.73
C GLN B 228 19.61 0.33 9.89
N HIS B 229 20.17 1.29 10.64
CA HIS B 229 19.50 2.57 10.82
C HIS B 229 19.51 3.41 9.58
N LEU B 230 20.62 3.44 8.84
CA LEU B 230 20.69 4.23 7.63
C LEU B 230 19.74 3.66 6.59
N PHE B 231 19.73 2.32 6.50
CA PHE B 231 18.82 1.65 5.54
C PHE B 231 17.37 1.92 5.90
N ALA B 232 17.01 1.77 7.15
CA ALA B 232 15.67 2.03 7.59
C ALA B 232 15.19 3.46 7.29
N VAL B 233 16.06 4.48 7.38
CA VAL B 233 15.65 5.84 7.07
C VAL B 233 15.39 5.93 5.57
N LEU B 234 16.36 5.48 4.79
CA LEU B 234 16.24 5.72 3.35
C LEU B 234 15.15 4.83 2.76
N GLN B 235 15.08 3.57 3.18
CA GLN B 235 14.07 2.66 2.67
C GLN B 235 12.65 3.09 3.13
N GLY B 236 12.57 3.67 4.34
CA GLY B 236 11.32 4.18 4.85
C GLY B 236 10.72 5.27 3.96
N HIS B 237 11.57 6.10 3.37
CA HIS B 237 11.10 7.12 2.43
C HIS B 237 10.62 6.47 1.09
N VAL B 238 11.26 5.40 0.66
CA VAL B 238 10.79 4.67 -0.58
C VAL B 238 9.36 4.18 -0.36
N THR B 239 9.07 3.56 0.79
CA THR B 239 7.80 2.91 0.98
C THR B 239 6.76 3.76 1.65
N ARG B 240 7.06 5.01 1.90
CA ARG B 240 6.07 5.92 2.44
C ARG B 240 4.86 5.96 1.47
N LEU B 241 3.64 5.91 2.00
CA LEU B 241 2.49 5.63 1.12
C LEU B 241 2.34 6.63 -0.05
N GLU B 242 2.61 7.90 0.22
CA GLU B 242 2.63 8.92 -0.81
C GLU B 242 3.50 8.61 -2.03
N ASN B 243 4.49 7.76 -1.88
CA ASN B 243 5.37 7.48 -3.00
C ASN B 243 4.99 6.21 -3.71
N THR B 244 3.79 5.67 -3.45
CA THR B 244 3.49 4.32 -3.92
C THR B 244 2.17 4.36 -4.70
N VAL B 245 1.97 3.33 -5.51
CA VAL B 245 0.67 3.11 -6.17
C VAL B 245 0.39 1.59 -6.10
N ARG B 246 -0.85 1.22 -5.82
CA ARG B 246 -1.26 -0.15 -5.66
C ARG B 246 -2.20 -0.52 -6.85
N TRP B 247 -2.00 -1.68 -7.47
CA TRP B 247 -2.86 -2.04 -8.61
C TRP B 247 -3.61 -3.30 -8.29
N ARG B 248 -4.92 -3.27 -8.43
CA ARG B 248 -5.73 -4.50 -8.39
C ARG B 248 -5.88 -5.22 -9.78
N TRP B 249 -5.34 -6.42 -9.93
CA TRP B 249 -5.23 -7.05 -11.23
C TRP B 249 -6.55 -7.68 -11.68
N GLU B 250 -6.79 -7.60 -12.99
CA GLU B 250 -7.86 -8.36 -13.70
C GLU B 250 -7.14 -9.12 -14.82
N ALA B 251 -7.61 -10.32 -15.16
CA ALA B 251 -6.93 -11.13 -16.20
C ALA B 251 -6.78 -10.27 -17.44
N GLY B 252 -5.62 -10.32 -18.08
CA GLY B 252 -5.42 -9.46 -19.24
C GLY B 252 -4.81 -8.07 -18.96
N ASP B 253 -4.63 -7.69 -17.69
CA ASP B 253 -3.92 -6.44 -17.32
C ASP B 253 -2.46 -6.64 -17.57
N VAL B 254 -1.77 -5.61 -18.03
CA VAL B 254 -0.34 -5.68 -18.24
C VAL B 254 0.29 -4.47 -17.52
N ALA B 255 1.38 -4.71 -16.79
CA ALA B 255 2.10 -3.57 -16.18
C ALA B 255 3.48 -3.56 -16.69
N ILE B 256 4.00 -2.35 -16.94
CA ILE B 256 5.40 -2.25 -17.27
C ILE B 256 6.02 -1.21 -16.32
N TRP B 257 7.17 -1.50 -15.76
CA TRP B 257 7.70 -0.50 -14.81
C TRP B 257 9.16 -0.28 -15.09
N ASP B 258 9.65 0.92 -14.75
CA ASP B 258 11.06 1.25 -14.90
C ASP B 258 11.77 0.82 -13.63
N ASN B 259 12.50 -0.30 -13.72
CA ASN B 259 13.15 -0.96 -12.63
C ASN B 259 14.37 -0.17 -12.13
N ARG B 260 14.72 0.88 -12.85
CA ARG B 260 15.86 1.70 -12.45
C ARG B 260 15.41 2.72 -11.36
N ALA B 261 14.10 2.91 -11.22
CA ALA B 261 13.57 3.99 -10.37
C ALA B 261 12.32 3.59 -9.61
N THR B 262 12.14 2.29 -9.38
CA THR B 262 11.07 1.78 -8.53
C THR B 262 11.53 0.63 -7.69
N GLN B 263 10.68 0.26 -6.73
CA GLN B 263 10.72 -1.05 -6.10
C GLN B 263 9.25 -1.55 -6.21
N HIS B 264 9.00 -2.82 -5.93
CA HIS B 264 7.63 -3.26 -5.95
C HIS B 264 7.48 -4.39 -4.95
N TYR B 265 6.24 -4.82 -4.72
CA TYR B 265 5.88 -5.71 -3.65
C TYR B 265 4.60 -6.39 -4.10
N ALA B 266 4.57 -7.71 -4.00
CA ALA B 266 3.34 -8.43 -4.35
C ALA B 266 2.64 -8.79 -3.05
N VAL B 267 1.41 -8.31 -2.86
CA VAL B 267 0.65 -8.52 -1.63
C VAL B 267 0.18 -9.97 -1.53
N ASP B 268 0.52 -10.65 -0.42
CA ASP B 268 0.14 -12.04 -0.27
C ASP B 268 -1.04 -12.17 0.69
N ASP B 269 -2.19 -11.65 0.27
CA ASP B 269 -3.39 -11.70 1.08
C ASP B 269 -4.48 -12.60 0.41
N TYR B 270 -4.13 -13.43 -0.56
CA TYR B 270 -5.19 -14.08 -1.37
C TYR B 270 -5.36 -15.55 -1.07
N GLY B 271 -4.58 -16.06 -0.12
CA GLY B 271 -4.82 -17.42 0.40
C GLY B 271 -4.49 -18.45 -0.67
N THR B 272 -5.40 -19.40 -0.89
CA THR B 272 -5.22 -20.42 -1.93
C THR B 272 -5.89 -20.07 -3.28
N GLN B 273 -6.44 -18.87 -3.42
CA GLN B 273 -6.92 -18.44 -4.74
C GLN B 273 -5.77 -18.49 -5.73
N PRO B 274 -6.02 -19.11 -6.90
CA PRO B 274 -4.99 -19.15 -7.96
C PRO B 274 -4.61 -17.74 -8.42
N ARG B 275 -3.32 -17.58 -8.65
CA ARG B 275 -2.77 -16.37 -9.18
C ARG B 275 -1.60 -16.73 -10.05
N ILE B 276 -1.71 -16.41 -11.34
CA ILE B 276 -0.65 -16.66 -12.27
C ILE B 276 -0.32 -15.42 -13.06
N VAL B 277 0.95 -15.03 -13.05
CA VAL B 277 1.39 -13.89 -13.85
C VAL B 277 2.60 -14.26 -14.65
N ARG B 278 2.79 -13.63 -15.81
CA ARG B 278 3.94 -13.92 -16.66
C ARG B 278 4.75 -12.70 -17.03
N ARG B 279 6.05 -12.79 -16.81
CA ARG B 279 6.91 -11.64 -16.93
C ARG B 279 8.03 -11.81 -17.91
N VAL B 280 8.22 -10.76 -18.70
CA VAL B 280 9.41 -10.62 -19.49
C VAL B 280 10.23 -9.49 -18.90
N THR B 281 11.50 -9.75 -18.73
CA THR B 281 12.39 -8.76 -18.23
C THR B 281 13.42 -8.26 -19.30
N LEU B 282 13.71 -6.96 -19.29
CA LEU B 282 14.57 -6.34 -20.29
C LEU B 282 15.95 -5.96 -19.75
N ALA B 283 16.99 -6.31 -20.49
CA ALA B 283 18.36 -6.14 -20.03
C ALA B 283 18.65 -4.66 -19.72
N GLY B 284 19.40 -4.40 -18.65
CA GLY B 284 19.67 -3.03 -18.22
C GLY B 284 21.16 -2.68 -18.29
N GLU B 285 21.50 -1.44 -17.95
CA GLU B 285 22.90 -0.99 -17.93
C GLU B 285 23.54 -1.10 -16.54
N VAL B 286 24.86 -0.95 -16.49
CA VAL B 286 25.56 -0.80 -15.21
C VAL B 286 25.17 0.56 -14.61
N PRO B 287 24.65 0.54 -13.39
CA PRO B 287 24.36 1.78 -12.66
C PRO B 287 25.55 2.73 -12.55
N VAL B 288 25.29 4.01 -12.76
CA VAL B 288 26.25 5.08 -12.52
C VAL B 288 25.83 5.91 -11.25
N GLY B 289 26.76 6.08 -10.31
CA GLY B 289 26.54 6.92 -9.13
C GLY B 289 26.72 8.37 -9.43
N VAL B 290 26.49 9.24 -8.43
CA VAL B 290 26.45 10.67 -8.60
C VAL B 290 27.85 11.21 -9.03
N ASP B 291 28.89 10.52 -8.59
CA ASP B 291 30.26 10.90 -8.94
C ASP B 291 30.77 10.19 -10.21
N GLY B 292 29.92 9.37 -10.83
CA GLY B 292 30.25 8.68 -12.06
C GLY B 292 30.85 7.31 -11.84
N GLN B 293 30.98 6.86 -10.60
CA GLN B 293 31.47 5.52 -10.32
C GLN B 293 30.42 4.47 -10.75
N LEU B 294 30.87 3.25 -11.05
CA LEU B 294 30.05 2.19 -11.60
C LEU B 294 29.95 1.06 -10.61
N SER B 295 28.80 0.38 -10.59
CA SER B 295 28.63 -0.79 -9.74
C SER B 295 29.61 -1.87 -10.15
N ARG B 296 29.98 -2.73 -9.22
CA ARG B 296 30.85 -3.85 -9.57
C ARG B 296 30.49 -5.09 -8.78
N THR B 297 30.27 -6.18 -9.48
CA THR B 297 30.14 -7.49 -8.85
C THR B 297 31.46 -7.85 -8.17
N THR B 298 31.38 -8.37 -6.95
CA THR B 298 32.57 -8.66 -6.13
C THR B 298 32.69 -10.10 -5.62
N ARG B 299 31.67 -10.91 -5.89
CA ARG B 299 31.68 -12.33 -5.53
C ARG B 299 30.75 -13.07 -6.49
N LYS B 300 31.18 -14.26 -6.95
CA LYS B 300 30.40 -15.09 -7.88
C LYS B 300 30.70 -16.58 -7.72
O4 C26 C . -8.99 11.07 15.60
S1 C26 C . -9.40 12.29 14.89
O2 C26 C . -10.87 12.27 14.68
O3 C26 C . -8.98 13.46 15.74
O1 C26 C . -8.69 12.36 13.39
C1 C26 C . -8.64 13.55 12.57
C2 C26 C . -7.24 14.18 12.48
C7 C26 C . -7.29 15.25 11.37
C8 C26 C . -6.53 16.52 11.69
C3 C26 C . -6.18 13.12 12.15
C4 C26 C . -4.78 13.36 12.73
C5 C26 C . -3.71 12.65 11.90
C6 C26 C . -2.61 13.59 11.46
C1 AKG D . -11.19 10.98 9.17
O1 AKG D . -12.14 11.51 8.60
O2 AKG D . -11.41 10.30 10.28
C2 AKG D . -9.73 11.04 8.64
O5 AKG D . -8.82 10.55 9.28
C3 AKG D . -9.48 11.64 7.31
C4 AKG D . -9.75 10.49 6.33
C5 AKG D . -9.68 11.10 4.96
O3 AKG D . -9.65 10.40 3.93
O4 AKG D . -9.60 12.42 4.83
FE FE2 E . -9.42 9.67 10.97
C1 AKG F . 8.29 -9.45 -10.35
O1 AKG F . 7.83 -10.12 -11.26
O2 AKG F . 9.32 -8.64 -10.55
C2 AKG F . 7.71 -9.55 -8.94
O5 AKG F . 8.43 -9.09 -8.07
C3 AKG F . 6.37 -10.20 -8.73
C4 AKG F . 5.36 -9.11 -9.06
C5 AKG F . 3.98 -9.66 -8.83
O3 AKG F . 2.98 -8.95 -8.86
O4 AKG F . 3.82 -10.96 -8.56
O4 C26 G . 14.13 -9.62 -8.64
S1 C26 G . 14.03 -10.99 -9.18
O2 C26 G . 13.65 -11.01 -10.61
O3 C26 G . 15.34 -11.61 -8.91
O1 C26 G . 12.90 -11.82 -8.38
C1 C26 G . 11.75 -11.15 -7.87
C2 C26 G . 11.33 -12.13 -6.80
C7 C26 G . 10.07 -12.76 -7.37
C8 C26 G . 10.26 -14.26 -7.42
C3 C26 G . 11.17 -11.39 -5.46
C4 C26 G . 11.87 -12.06 -4.27
C5 C26 G . 11.47 -11.41 -2.94
C6 C26 G . 10.63 -12.35 -2.11
FE FE2 H . 10.08 -8.29 -8.69
#